data_3WV6
#
_entry.id   3WV6
#
_cell.length_a   58.340
_cell.length_b   94.870
_cell.length_c   64.810
_cell.angle_alpha   90.00
_cell.angle_beta   113.87
_cell.angle_gamma   90.00
#
_symmetry.space_group_name_H-M   'P 1 21 1'
#
loop_
_entity.id
_entity.type
_entity.pdbx_description
1 polymer Galectin-9
2 branched beta-D-galactopyranose-(1-4)-beta-D-glucopyranose
3 branched beta-D-galactopyranose-(1-4)-alpha-D-glucopyranose
4 non-polymer 'ZINC ION'
5 non-polymer 1,2-ETHANEDIOL
6 water water
#
_entity_poly.entity_id   1
_entity_poly.type   'polypeptide(L)'
_entity_poly.pdbx_seq_one_letter_code
;MAFSGSQAPYLSPAVPFSGTIQGGLQDGLQITVNGTVLSSSGTRFAVNFQTGFSGNDIAFHFNPRFEDGGYVVCNTRQNG
SWGPEERKTHMPFQKGMPFDLCFLVQSSDFKVMVNGILFVQYFHRVPFHRVDTISVNGSVQLSYISFQHMTPAIPPMMYP
HPAYPMPFITTILGGLYPSKSILLSGTVLPSAQSFHINLCSGNHIAFHLNPRFDENAVVRNTQIDNSWGSEERSLPRKMP
FVRGQSFSVWILCEAHCLKVAVDGQHLFEYYHRLRNLPTINRLEVGGDIQLTHVQT
;
_entity_poly.pdbx_strand_id   A,B
#
loop_
_chem_comp.id
_chem_comp.type
_chem_comp.name
_chem_comp.formula
BGC D-saccharide, beta linking beta-D-glucopyranose 'C6 H12 O6'
EDO non-polymer 1,2-ETHANEDIOL 'C2 H6 O2'
GAL D-saccharide, beta linking beta-D-galactopyranose 'C6 H12 O6'
GLC D-saccharide, alpha linking alpha-D-glucopyranose 'C6 H12 O6'
ZN non-polymer 'ZINC ION' 'Zn 2'
#
# COMPACT_ATOMS: atom_id res chain seq x y z
N GLY A 5 -13.21 11.07 -26.13
CA GLY A 5 -12.36 9.90 -26.45
C GLY A 5 -10.93 10.08 -25.97
N SER A 6 -10.42 9.09 -25.25
CA SER A 6 -9.06 9.17 -24.73
C SER A 6 -8.07 8.45 -25.65
N GLN A 7 -6.89 9.03 -25.80
CA GLN A 7 -5.86 8.45 -26.67
C GLN A 7 -5.36 7.10 -26.14
N ALA A 8 -4.82 6.29 -27.05
CA ALA A 8 -4.30 4.98 -26.71
C ALA A 8 -3.10 5.11 -25.77
N PRO A 9 -2.89 4.12 -24.90
CA PRO A 9 -1.76 4.19 -23.98
C PRO A 9 -0.41 3.83 -24.60
N TYR A 10 0.67 4.26 -23.95
CA TYR A 10 2.02 3.94 -24.38
C TYR A 10 2.36 2.68 -23.59
N LEU A 11 2.67 1.60 -24.28
CA LEU A 11 2.99 0.34 -23.61
C LEU A 11 4.49 0.10 -23.52
N SER A 12 4.95 -0.18 -22.30
CA SER A 12 6.36 -0.44 -22.03
C SER A 12 7.29 0.49 -22.84
N PRO A 13 7.03 1.80 -22.79
CA PRO A 13 7.88 2.74 -23.52
C PRO A 13 9.29 2.75 -22.93
N ALA A 14 10.29 2.74 -23.80
CA ALA A 14 11.68 2.74 -23.36
C ALA A 14 12.10 4.11 -22.82
N VAL A 15 12.90 4.08 -21.76
CA VAL A 15 13.40 5.29 -21.12
C VAL A 15 14.84 5.53 -21.59
N PRO A 16 15.21 6.78 -21.94
CA PRO A 16 14.39 7.99 -21.95
C PRO A 16 13.23 7.97 -22.94
N PHE A 17 12.10 8.50 -22.51
CA PHE A 17 10.89 8.53 -23.33
C PHE A 17 10.29 9.92 -23.53
N SER A 18 9.70 10.13 -24.70
CA SER A 18 9.02 11.37 -25.04
C SER A 18 7.87 11.01 -25.96
N GLY A 19 6.67 11.42 -25.59
CA GLY A 19 5.51 11.10 -26.41
C GLY A 19 4.50 12.23 -26.40
N THR A 20 3.75 12.35 -27.49
CA THR A 20 2.74 13.38 -27.60
C THR A 20 1.51 13.09 -26.75
N ILE A 21 0.91 14.16 -26.24
CA ILE A 21 -0.32 14.06 -25.47
C ILE A 21 -1.33 14.62 -26.47
N GLN A 22 -2.06 13.72 -27.12
CA GLN A 22 -3.05 14.13 -28.12
C GLN A 22 -4.08 15.10 -27.57
N GLY A 23 -4.14 16.28 -28.19
CA GLY A 23 -5.09 17.29 -27.75
C GLY A 23 -4.52 18.15 -26.63
N GLY A 24 -3.27 17.88 -26.25
CA GLY A 24 -2.63 18.64 -25.19
C GLY A 24 -3.32 18.39 -23.86
N LEU A 25 -2.76 18.96 -22.79
CA LEU A 25 -3.36 18.80 -21.48
C LEU A 25 -4.72 19.49 -21.45
N GLN A 26 -5.67 18.87 -20.78
CA GLN A 26 -7.02 19.42 -20.67
C GLN A 26 -7.51 19.32 -19.23
N ASP A 27 -8.38 20.24 -18.84
CA ASP A 27 -8.95 20.24 -17.50
C ASP A 27 -9.69 18.92 -17.36
N GLY A 28 -9.33 18.13 -16.36
CA GLY A 28 -10.00 16.85 -16.16
C GLY A 28 -9.24 15.64 -16.71
N LEU A 29 -8.14 15.90 -17.41
CA LEU A 29 -7.35 14.80 -17.97
C LEU A 29 -6.50 14.17 -16.88
N GLN A 30 -6.53 12.84 -16.81
CA GLN A 30 -5.75 12.11 -15.83
C GLN A 30 -4.71 11.27 -16.55
N ILE A 31 -3.44 11.50 -16.22
CA ILE A 31 -2.35 10.75 -16.85
C ILE A 31 -1.78 9.78 -15.83
N THR A 32 -1.90 8.49 -16.11
CA THR A 32 -1.41 7.46 -15.22
C THR A 32 -0.08 6.88 -15.70
N VAL A 33 0.91 6.87 -14.82
CA VAL A 33 2.22 6.32 -15.12
C VAL A 33 2.50 5.12 -14.22
N ASN A 34 2.65 3.94 -14.79
CA ASN A 34 2.97 2.75 -14.01
C ASN A 34 4.39 2.38 -14.38
N GLY A 35 5.25 2.26 -13.38
CA GLY A 35 6.63 1.91 -13.63
C GLY A 35 7.31 1.38 -12.38
N THR A 36 8.61 1.18 -12.47
CA THR A 36 9.40 0.67 -11.36
C THR A 36 10.71 1.45 -11.30
N VAL A 37 11.06 1.93 -10.11
CA VAL A 37 12.31 2.67 -9.96
C VAL A 37 13.41 1.61 -10.02
N LEU A 38 14.46 1.88 -10.80
CA LEU A 38 15.56 0.93 -10.92
C LEU A 38 16.24 0.74 -9.57
N SER A 39 16.66 -0.49 -9.29
CA SER A 39 17.31 -0.83 -8.03
C SER A 39 18.72 -0.29 -7.85
N SER A 40 19.51 -0.26 -8.92
CA SER A 40 20.88 0.21 -8.82
C SER A 40 21.38 0.88 -10.09
N SER A 41 20.64 1.85 -10.59
CA SER A 41 21.03 2.54 -11.80
C SER A 41 20.66 4.02 -11.75
N GLY A 42 21.27 4.75 -10.82
CA GLY A 42 20.98 6.16 -10.70
C GLY A 42 20.31 6.52 -9.39
N THR A 43 20.19 7.82 -9.12
CA THR A 43 19.60 8.27 -7.87
C THR A 43 18.37 9.16 -8.07
N ARG A 44 17.93 9.29 -9.32
CA ARG A 44 16.76 10.11 -9.60
C ARG A 44 16.13 9.78 -10.95
N PHE A 45 14.86 10.16 -11.10
CA PHE A 45 14.13 9.96 -12.33
C PHE A 45 13.18 11.15 -12.43
N ALA A 46 12.67 11.42 -13.62
CA ALA A 46 11.77 12.55 -13.76
C ALA A 46 10.66 12.33 -14.76
N VAL A 47 9.54 12.99 -14.50
CA VAL A 47 8.38 12.95 -15.38
C VAL A 47 8.16 14.42 -15.73
N ASN A 48 8.14 14.72 -17.02
CA ASN A 48 7.99 16.10 -17.48
C ASN A 48 6.81 16.30 -18.42
N PHE A 49 6.07 17.37 -18.16
CA PHE A 49 4.95 17.77 -19.00
C PHE A 49 5.55 19.00 -19.64
N GLN A 50 5.81 18.89 -20.94
CA GLN A 50 6.48 19.96 -21.66
C GLN A 50 5.88 20.35 -23.00
N THR A 51 6.54 21.30 -23.65
CA THR A 51 6.15 21.80 -24.95
C THR A 51 7.22 21.35 -25.95
N GLY A 52 6.84 20.44 -26.84
CA GLY A 52 7.81 19.95 -27.80
C GLY A 52 8.73 18.93 -27.16
N PHE A 53 9.80 18.58 -27.85
CA PHE A 53 10.75 17.58 -27.36
C PHE A 53 12.12 18.15 -26.98
N SER A 54 12.24 19.48 -26.92
CA SER A 54 13.51 20.11 -26.59
C SER A 54 13.90 20.01 -25.12
N GLY A 55 12.98 20.37 -24.24
CA GLY A 55 13.26 20.31 -22.81
C GLY A 55 13.49 21.70 -22.25
N ASN A 56 13.56 22.69 -23.14
CA ASN A 56 13.78 24.07 -22.71
C ASN A 56 12.54 24.62 -22.02
N ASP A 57 11.39 24.06 -22.37
CA ASP A 57 10.14 24.48 -21.78
C ASP A 57 9.39 23.31 -21.17
N ILE A 58 9.47 23.20 -19.85
CA ILE A 58 8.80 22.15 -19.12
C ILE A 58 7.83 22.81 -18.17
N ALA A 59 6.54 22.68 -18.44
CA ALA A 59 5.52 23.30 -17.58
C ALA A 59 5.53 22.70 -16.17
N PHE A 60 5.80 21.40 -16.08
CA PHE A 60 5.83 20.72 -14.80
C PHE A 60 6.87 19.61 -14.81
N HIS A 61 7.88 19.78 -13.98
CA HIS A 61 8.99 18.84 -13.82
C HIS A 61 8.80 18.18 -12.46
N PHE A 62 8.56 16.86 -12.46
CA PHE A 62 8.35 16.08 -11.24
C PHE A 62 9.60 15.21 -11.11
N ASN A 63 10.46 15.56 -10.16
CA ASN A 63 11.76 14.92 -10.01
C ASN A 63 12.09 14.24 -8.68
N PRO A 64 11.74 12.96 -8.51
CA PRO A 64 12.04 12.27 -7.24
C PRO A 64 13.56 12.05 -7.15
N ARG A 65 14.14 12.34 -5.98
CA ARG A 65 15.58 12.17 -5.81
C ARG A 65 15.95 11.31 -4.61
N PHE A 66 16.63 10.19 -4.87
CA PHE A 66 17.05 9.29 -3.81
C PHE A 66 18.41 9.79 -3.36
N GLU A 67 18.40 10.97 -2.74
CA GLU A 67 19.60 11.63 -2.27
C GLU A 67 19.28 12.38 -0.98
N ASP A 68 20.30 12.60 -0.15
CA ASP A 68 20.13 13.33 1.10
C ASP A 68 18.92 12.89 1.91
N GLY A 69 18.68 11.59 1.99
CA GLY A 69 17.54 11.13 2.77
C GLY A 69 16.22 11.04 2.01
N GLY A 70 16.25 11.37 0.72
CA GLY A 70 15.05 11.28 -0.10
C GLY A 70 14.13 12.47 -0.11
N TYR A 71 13.90 13.02 -1.31
CA TYR A 71 13.02 14.16 -1.47
C TYR A 71 12.58 14.28 -2.93
N VAL A 72 11.60 15.14 -3.19
CA VAL A 72 11.08 15.31 -4.54
C VAL A 72 11.04 16.78 -4.91
N VAL A 73 11.60 17.10 -6.07
CA VAL A 73 11.62 18.47 -6.55
C VAL A 73 10.58 18.71 -7.63
N CYS A 74 9.85 19.82 -7.51
CA CYS A 74 8.84 20.20 -8.50
C CYS A 74 9.23 21.59 -8.99
N ASN A 75 9.26 21.77 -10.30
CA ASN A 75 9.62 23.07 -10.85
C ASN A 75 9.11 23.21 -12.27
N THR A 76 9.32 24.39 -12.83
CA THR A 76 8.89 24.71 -14.19
C THR A 76 10.08 25.35 -14.90
N ARG A 77 10.28 24.99 -16.16
CA ARG A 77 11.36 25.56 -16.94
C ARG A 77 10.79 26.31 -18.13
N GLN A 78 11.15 27.58 -18.26
CA GLN A 78 10.67 28.41 -19.35
C GLN A 78 11.85 29.07 -20.05
N ASN A 79 11.99 28.81 -21.33
CA ASN A 79 13.06 29.34 -22.13
C ASN A 79 14.43 29.06 -21.50
N GLY A 80 14.61 27.82 -21.04
CA GLY A 80 15.88 27.43 -20.44
C GLY A 80 16.11 27.88 -19.01
N SER A 81 15.15 28.59 -18.43
CA SER A 81 15.29 29.07 -17.06
C SER A 81 14.38 28.36 -16.05
N TRP A 82 14.98 27.81 -15.01
CA TRP A 82 14.22 27.13 -13.96
C TRP A 82 13.65 28.17 -13.00
N GLY A 83 12.46 27.92 -12.48
CA GLY A 83 11.85 28.85 -11.55
C GLY A 83 12.09 28.45 -10.11
N PRO A 84 11.26 28.93 -9.17
CA PRO A 84 11.44 28.58 -7.75
C PRO A 84 11.16 27.10 -7.53
N GLU A 85 12.09 26.38 -6.90
CA GLU A 85 11.89 24.96 -6.65
C GLU A 85 10.90 24.73 -5.51
N GLU A 86 10.02 23.75 -5.70
CA GLU A 86 9.07 23.37 -4.67
C GLU A 86 9.47 21.95 -4.30
N ARG A 87 9.90 21.76 -3.06
CA ARG A 87 10.35 20.46 -2.60
C ARG A 87 9.48 19.81 -1.54
N LYS A 88 9.35 18.49 -1.65
CA LYS A 88 8.61 17.69 -0.68
C LYS A 88 9.75 16.91 -0.02
N THR A 89 9.89 17.07 1.29
CA THR A 89 10.96 16.43 2.02
C THR A 89 10.78 14.96 2.42
N HIS A 90 9.83 14.28 1.78
CA HIS A 90 9.62 12.87 2.06
C HIS A 90 9.54 12.15 0.72
N MET A 91 9.99 10.90 0.68
CA MET A 91 10.02 10.10 -0.55
C MET A 91 9.00 8.96 -0.55
N PRO A 92 7.99 9.04 -1.44
CA PRO A 92 6.95 8.01 -1.55
C PRO A 92 7.30 6.85 -2.48
N PHE A 93 8.44 6.96 -3.15
CA PHE A 93 8.90 5.91 -4.07
C PHE A 93 10.00 5.10 -3.40
N GLN A 94 10.26 3.90 -3.93
CA GLN A 94 11.27 3.01 -3.37
C GLN A 94 12.01 2.33 -4.52
N LYS A 95 13.34 2.26 -4.42
CA LYS A 95 14.11 1.62 -5.48
C LYS A 95 13.69 0.17 -5.63
N GLY A 96 13.62 -0.28 -6.88
CA GLY A 96 13.23 -1.65 -7.18
C GLY A 96 11.75 -1.95 -7.02
N MET A 97 10.96 -0.98 -6.58
CA MET A 97 9.53 -1.21 -6.36
C MET A 97 8.61 -0.55 -7.39
N PRO A 98 7.56 -1.27 -7.83
CA PRO A 98 6.61 -0.72 -8.79
C PRO A 98 5.80 0.39 -8.13
N PHE A 99 5.32 1.33 -8.94
CA PHE A 99 4.53 2.43 -8.39
C PHE A 99 3.41 2.83 -9.32
N ASP A 100 2.42 3.53 -8.76
CA ASP A 100 1.29 4.05 -9.50
C ASP A 100 1.40 5.55 -9.28
N LEU A 101 1.71 6.28 -10.35
CA LEU A 101 1.87 7.72 -10.27
C LEU A 101 0.86 8.37 -11.20
N CYS A 102 -0.13 9.05 -10.62
CA CYS A 102 -1.16 9.69 -11.42
C CYS A 102 -1.19 11.20 -11.30
N PHE A 103 -1.33 11.85 -12.45
CA PHE A 103 -1.38 13.30 -12.55
C PHE A 103 -2.78 13.69 -13.01
N LEU A 104 -3.49 14.45 -12.17
CA LEU A 104 -4.83 14.91 -12.53
C LEU A 104 -4.72 16.40 -12.84
N VAL A 105 -5.04 16.76 -14.07
CA VAL A 105 -4.97 18.16 -14.47
C VAL A 105 -6.29 18.83 -14.12
N GLN A 106 -6.21 19.98 -13.45
CA GLN A 106 -7.38 20.74 -13.09
C GLN A 106 -7.16 22.17 -13.57
N SER A 107 -8.16 23.02 -13.45
CA SER A 107 -8.07 24.40 -13.93
C SER A 107 -6.91 25.21 -13.36
N SER A 108 -6.63 25.04 -12.07
CA SER A 108 -5.55 25.81 -11.45
C SER A 108 -4.30 25.03 -11.07
N ASP A 109 -4.35 23.70 -11.13
CA ASP A 109 -3.19 22.92 -10.73
C ASP A 109 -3.16 21.48 -11.20
N PHE A 110 -2.06 20.81 -10.84
CA PHE A 110 -1.85 19.39 -11.12
C PHE A 110 -2.03 18.74 -9.77
N LYS A 111 -2.82 17.67 -9.70
CA LYS A 111 -2.98 16.94 -8.45
C LYS A 111 -2.14 15.68 -8.69
N VAL A 112 -1.10 15.48 -7.89
CA VAL A 112 -0.22 14.33 -8.06
C VAL A 112 -0.39 13.29 -6.97
N MET A 113 -0.83 12.10 -7.36
CA MET A 113 -1.05 11.02 -6.42
C MET A 113 -0.03 9.90 -6.60
N VAL A 114 0.48 9.40 -5.49
CA VAL A 114 1.45 8.31 -5.52
C VAL A 114 0.88 7.14 -4.73
N ASN A 115 0.66 6.04 -5.42
CA ASN A 115 0.09 4.84 -4.81
C ASN A 115 -1.21 5.14 -4.06
N GLY A 116 -2.07 5.94 -4.68
CA GLY A 116 -3.35 6.27 -4.08
C GLY A 116 -3.42 7.46 -3.15
N ILE A 117 -2.28 8.01 -2.75
CA ILE A 117 -2.28 9.15 -1.83
C ILE A 117 -1.88 10.44 -2.51
N LEU A 118 -2.64 11.50 -2.26
CA LEU A 118 -2.33 12.81 -2.82
C LEU A 118 -0.97 13.19 -2.23
N PHE A 119 0.02 13.33 -3.10
CA PHE A 119 1.37 13.65 -2.67
C PHE A 119 1.74 15.12 -2.89
N VAL A 120 1.38 15.66 -4.05
CA VAL A 120 1.68 17.04 -4.37
C VAL A 120 0.57 17.75 -5.15
N GLN A 121 0.45 19.05 -4.91
CA GLN A 121 -0.51 19.90 -5.60
C GLN A 121 0.38 20.98 -6.20
N TYR A 122 0.50 20.99 -7.52
CA TYR A 122 1.36 21.96 -8.21
C TYR A 122 0.53 22.93 -9.05
N PHE A 123 0.46 24.18 -8.61
CA PHE A 123 -0.30 25.19 -9.36
C PHE A 123 0.38 25.47 -10.69
N HIS A 124 -0.41 25.64 -11.74
CA HIS A 124 0.14 25.94 -13.06
C HIS A 124 0.91 27.26 -13.05
N ARG A 125 2.08 27.26 -13.67
CA ARG A 125 2.90 28.47 -13.78
C ARG A 125 2.90 28.84 -15.27
N VAL A 126 2.71 27.82 -16.09
CA VAL A 126 2.65 27.97 -17.54
C VAL A 126 1.26 27.48 -17.96
N PRO A 127 0.60 28.17 -18.91
CA PRO A 127 -0.73 27.72 -19.33
C PRO A 127 -0.68 26.25 -19.71
N PHE A 128 -1.53 25.43 -19.10
CA PHE A 128 -1.49 24.01 -19.38
C PHE A 128 -1.79 23.63 -20.83
N HIS A 129 -2.39 24.54 -21.59
CA HIS A 129 -2.70 24.23 -22.99
C HIS A 129 -1.42 24.12 -23.81
N ARG A 130 -0.35 24.74 -23.31
CA ARG A 130 0.92 24.71 -24.03
C ARG A 130 1.66 23.37 -23.90
N VAL A 131 1.16 22.49 -23.05
CA VAL A 131 1.80 21.19 -22.87
C VAL A 131 1.20 20.19 -23.86
N ASP A 132 2.05 19.65 -24.72
CA ASP A 132 1.61 18.68 -25.73
C ASP A 132 2.49 17.45 -25.70
N THR A 133 3.38 17.38 -24.71
CA THR A 133 4.31 16.26 -24.64
C THR A 133 4.64 15.83 -23.21
N ILE A 134 4.80 14.53 -23.03
CA ILE A 134 5.19 13.98 -21.74
C ILE A 134 6.48 13.22 -21.95
N SER A 135 7.46 13.47 -21.10
CA SER A 135 8.74 12.79 -21.22
C SER A 135 9.13 12.19 -19.88
N VAL A 136 9.88 11.08 -19.94
CA VAL A 136 10.33 10.40 -18.74
C VAL A 136 11.79 9.99 -18.90
N ASN A 137 12.61 10.30 -17.92
CA ASN A 137 14.02 9.92 -17.99
C ASN A 137 14.53 9.57 -16.60
N GLY A 138 15.74 9.02 -16.55
CA GLY A 138 16.30 8.65 -15.27
C GLY A 138 16.24 7.18 -14.91
N SER A 139 16.42 6.90 -13.63
CA SER A 139 16.45 5.55 -13.09
C SER A 139 15.08 4.92 -12.90
N VAL A 140 14.36 4.72 -14.00
CA VAL A 140 13.04 4.14 -13.95
C VAL A 140 12.78 3.31 -15.19
N GLN A 141 11.88 2.35 -15.07
CA GLN A 141 11.47 1.47 -16.15
C GLN A 141 9.95 1.62 -16.20
N LEU A 142 9.37 1.67 -17.40
CA LEU A 142 7.93 1.87 -17.54
C LEU A 142 7.10 0.69 -18.03
N SER A 143 5.91 0.56 -17.46
CA SER A 143 4.97 -0.49 -17.84
C SER A 143 3.98 0.14 -18.82
N TYR A 144 3.43 1.28 -18.45
CA TYR A 144 2.50 1.98 -19.34
C TYR A 144 2.19 3.40 -18.88
N ILE A 145 1.73 4.21 -19.83
CA ILE A 145 1.33 5.58 -19.56
C ILE A 145 -0.04 5.66 -20.24
N SER A 146 -1.08 5.87 -19.44
CA SER A 146 -2.43 5.94 -19.99
C SER A 146 -3.07 7.30 -19.79
N PHE A 147 -4.16 7.53 -20.53
CA PHE A 147 -4.88 8.78 -20.48
C PHE A 147 -6.37 8.53 -20.27
N GLN A 148 -6.98 9.34 -19.42
CA GLN A 148 -8.40 9.20 -19.14
C GLN A 148 -9.01 10.54 -18.75
N HIS A 149 -10.13 10.88 -19.38
CA HIS A 149 -10.81 12.13 -19.11
C HIS A 149 -11.85 11.91 -18.01
N MET A 150 -11.67 12.61 -16.89
CA MET A 150 -12.57 12.50 -15.76
C MET A 150 -13.80 13.37 -15.95
N TYR A 159 -13.89 9.60 -9.53
CA TYR A 159 -12.83 9.44 -8.53
C TYR A 159 -11.54 9.02 -9.24
N PRO A 160 -10.42 9.71 -8.94
CA PRO A 160 -9.14 9.37 -9.57
C PRO A 160 -8.77 7.91 -9.29
N HIS A 161 -9.10 7.46 -8.08
CA HIS A 161 -8.85 6.08 -7.67
C HIS A 161 -10.11 5.51 -7.02
N PRO A 162 -11.03 4.97 -7.83
CA PRO A 162 -12.28 4.40 -7.35
C PRO A 162 -12.10 3.03 -6.73
N ALA A 163 -13.09 2.58 -5.97
CA ALA A 163 -13.02 1.28 -5.35
C ALA A 163 -13.52 0.25 -6.35
N TYR A 164 -12.73 -0.80 -6.57
CA TYR A 164 -13.11 -1.85 -7.50
C TYR A 164 -13.57 -3.07 -6.71
N PRO A 165 -14.86 -3.42 -6.80
CA PRO A 165 -15.35 -4.60 -6.07
C PRO A 165 -14.77 -5.86 -6.67
N MET A 166 -14.52 -6.86 -5.83
CA MET A 166 -13.99 -8.13 -6.29
C MET A 166 -15.01 -9.24 -6.03
N PRO A 167 -15.29 -10.07 -7.03
CA PRO A 167 -14.69 -10.03 -8.37
C PRO A 167 -15.18 -8.81 -9.16
N PHE A 168 -14.37 -8.35 -10.09
CA PHE A 168 -14.74 -7.20 -10.90
C PHE A 168 -15.08 -7.62 -12.32
N ILE A 169 -16.31 -7.33 -12.73
CA ILE A 169 -16.78 -7.67 -14.06
C ILE A 169 -17.19 -6.39 -14.78
N THR A 170 -16.68 -6.19 -15.99
CA THR A 170 -17.03 -4.99 -16.72
C THR A 170 -17.03 -5.25 -18.22
N THR A 171 -17.81 -4.48 -18.96
CA THR A 171 -17.90 -4.65 -20.40
C THR A 171 -16.75 -3.97 -21.15
N ILE A 172 -16.24 -4.64 -22.18
CA ILE A 172 -15.19 -4.07 -23.02
C ILE A 172 -15.99 -3.58 -24.23
N LEU A 173 -16.42 -2.32 -24.19
CA LEU A 173 -17.22 -1.74 -25.26
C LEU A 173 -16.56 -1.86 -26.64
N GLY A 174 -17.23 -2.58 -27.54
CA GLY A 174 -16.69 -2.76 -28.87
C GLY A 174 -15.88 -4.05 -28.98
N GLY A 175 -15.52 -4.61 -27.84
CA GLY A 175 -14.75 -5.84 -27.85
C GLY A 175 -13.30 -5.64 -28.23
N LEU A 176 -12.66 -6.70 -28.70
CA LEU A 176 -11.25 -6.64 -29.09
C LEU A 176 -11.04 -6.42 -30.58
N TYR A 177 -9.81 -6.01 -30.93
CA TYR A 177 -9.42 -5.76 -32.31
C TYR A 177 -7.92 -5.48 -32.31
N PRO A 178 -7.27 -5.58 -33.49
CA PRO A 178 -5.82 -5.32 -33.53
C PRO A 178 -5.48 -3.91 -33.06
N SER A 179 -4.58 -3.84 -32.08
CA SER A 179 -4.09 -2.60 -31.45
C SER A 179 -4.82 -2.28 -30.14
N LYS A 180 -5.90 -3.00 -29.87
CA LYS A 180 -6.66 -2.79 -28.64
C LYS A 180 -5.87 -3.27 -27.43
N SER A 181 -5.86 -2.48 -26.36
CA SER A 181 -5.15 -2.89 -25.16
C SER A 181 -6.04 -2.83 -23.92
N ILE A 182 -5.73 -3.68 -22.95
CA ILE A 182 -6.46 -3.72 -21.69
C ILE A 182 -5.39 -3.50 -20.62
N LEU A 183 -5.65 -2.60 -19.70
CA LEU A 183 -4.69 -2.27 -18.66
C LEU A 183 -5.23 -2.55 -17.27
N LEU A 184 -4.36 -3.01 -16.39
CA LEU A 184 -4.76 -3.29 -15.02
C LEU A 184 -3.63 -2.98 -14.04
N SER A 185 -4.00 -2.31 -12.95
CA SER A 185 -3.04 -1.98 -11.90
C SER A 185 -3.70 -2.46 -10.61
N GLY A 186 -2.91 -3.09 -9.75
CA GLY A 186 -3.46 -3.58 -8.51
C GLY A 186 -2.37 -4.02 -7.58
N THR A 187 -2.75 -4.78 -6.55
CA THR A 187 -1.82 -5.26 -5.58
C THR A 187 -2.14 -6.70 -5.23
N VAL A 188 -1.11 -7.54 -5.19
CA VAL A 188 -1.31 -8.93 -4.82
C VAL A 188 -1.41 -8.95 -3.29
N LEU A 189 -2.44 -9.60 -2.76
CA LEU A 189 -2.57 -9.67 -1.31
C LEU A 189 -1.41 -10.47 -0.72
N PRO A 190 -0.95 -10.10 0.48
CA PRO A 190 0.16 -10.80 1.14
C PRO A 190 -0.10 -12.31 1.26
N SER A 191 -1.35 -12.67 1.48
CA SER A 191 -1.75 -14.07 1.64
C SER A 191 -2.24 -14.71 0.34
N ALA A 192 -2.06 -14.03 -0.78
CA ALA A 192 -2.54 -14.54 -2.06
C ALA A 192 -2.13 -15.98 -2.41
N GLN A 193 -3.08 -16.71 -2.96
CA GLN A 193 -2.84 -18.08 -3.40
C GLN A 193 -2.89 -18.03 -4.92
N SER A 194 -3.83 -17.24 -5.45
CA SER A 194 -3.97 -17.07 -6.89
C SER A 194 -5.04 -16.06 -7.25
N PHE A 195 -5.03 -15.63 -8.51
CA PHE A 195 -6.02 -14.69 -9.01
C PHE A 195 -6.09 -14.92 -10.49
N HIS A 196 -7.11 -14.36 -11.16
CA HIS A 196 -7.21 -14.55 -12.59
C HIS A 196 -7.79 -13.35 -13.31
N ILE A 197 -7.53 -13.30 -14.61
CA ILE A 197 -8.04 -12.25 -15.48
C ILE A 197 -8.62 -12.96 -16.69
N ASN A 198 -9.91 -12.77 -16.92
CA ASN A 198 -10.58 -13.42 -18.06
C ASN A 198 -11.12 -12.42 -19.08
N LEU A 199 -10.96 -12.77 -20.36
CA LEU A 199 -11.50 -11.96 -21.45
C LEU A 199 -12.56 -12.92 -21.98
N CYS A 200 -13.82 -12.54 -21.84
CA CYS A 200 -14.90 -13.43 -22.24
C CYS A 200 -15.71 -13.04 -23.45
N SER A 201 -16.30 -14.06 -24.06
CA SER A 201 -17.16 -13.91 -25.22
C SER A 201 -18.36 -14.81 -24.93
N GLY A 202 -19.48 -14.21 -24.55
CA GLY A 202 -20.66 -15.00 -24.25
C GLY A 202 -20.43 -15.90 -23.06
N ASN A 203 -20.61 -17.21 -23.27
CA ASN A 203 -20.42 -18.20 -22.20
C ASN A 203 -19.02 -18.78 -22.22
N HIS A 204 -18.17 -18.22 -23.07
CA HIS A 204 -16.81 -18.73 -23.19
C HIS A 204 -15.76 -17.78 -22.63
N ILE A 205 -14.60 -18.32 -22.32
CA ILE A 205 -13.49 -17.52 -21.82
C ILE A 205 -12.43 -17.60 -22.93
N ALA A 206 -12.36 -16.54 -23.73
CA ALA A 206 -11.40 -16.49 -24.83
C ALA A 206 -9.97 -16.58 -24.31
N PHE A 207 -9.70 -15.87 -23.21
CA PHE A 207 -8.37 -15.86 -22.63
C PHE A 207 -8.47 -15.84 -21.11
N HIS A 208 -7.79 -16.78 -20.49
CA HIS A 208 -7.75 -16.94 -19.04
C HIS A 208 -6.28 -16.81 -18.61
N LEU A 209 -5.98 -15.82 -17.78
CA LEU A 209 -4.64 -15.58 -17.26
C LEU A 209 -4.72 -15.87 -15.77
N ASN A 210 -4.03 -16.92 -15.33
CA ASN A 210 -4.11 -17.36 -13.94
C ASN A 210 -2.80 -17.51 -13.17
N PRO A 211 -2.35 -16.43 -12.51
CA PRO A 211 -1.10 -16.51 -11.73
C PRO A 211 -1.41 -17.30 -10.46
N ARG A 212 -0.59 -18.30 -10.17
CA ARG A 212 -0.77 -19.14 -9.00
C ARG A 212 0.52 -19.10 -8.19
N PHE A 213 0.45 -18.53 -6.99
CA PHE A 213 1.61 -18.41 -6.12
C PHE A 213 1.96 -19.73 -5.44
N ASP A 214 0.93 -20.49 -5.08
CA ASP A 214 1.14 -21.77 -4.43
C ASP A 214 1.83 -22.75 -5.38
N GLU A 215 1.42 -22.70 -6.65
CA GLU A 215 2.01 -23.57 -7.68
C GLU A 215 3.23 -22.91 -8.29
N ASN A 216 3.32 -21.59 -8.10
CA ASN A 216 4.42 -20.81 -8.65
C ASN A 216 4.39 -20.96 -10.16
N ALA A 217 3.28 -20.54 -10.76
CA ALA A 217 3.12 -20.65 -12.20
C ALA A 217 2.10 -19.65 -12.72
N VAL A 218 2.19 -19.35 -14.02
CA VAL A 218 1.24 -18.44 -14.65
C VAL A 218 0.59 -19.24 -15.77
N VAL A 219 -0.62 -19.71 -15.49
CA VAL A 219 -1.36 -20.54 -16.43
C VAL A 219 -2.28 -19.73 -17.34
N ARG A 220 -2.27 -20.08 -18.63
CA ARG A 220 -3.13 -19.42 -19.60
C ARG A 220 -3.89 -20.50 -20.35
N ASN A 221 -5.18 -20.25 -20.61
CA ASN A 221 -5.99 -21.24 -21.31
C ASN A 221 -7.23 -20.57 -21.91
N THR A 222 -8.04 -21.40 -22.56
CA THR A 222 -9.28 -20.95 -23.18
C THR A 222 -10.37 -21.95 -22.81
N GLN A 223 -11.53 -21.46 -22.43
CA GLN A 223 -12.65 -22.32 -22.08
C GLN A 223 -13.77 -22.11 -23.08
N ILE A 224 -14.16 -23.21 -23.73
CA ILE A 224 -15.23 -23.19 -24.72
C ILE A 224 -16.33 -24.12 -24.23
N ASP A 225 -17.54 -23.60 -24.06
CA ASP A 225 -18.66 -24.40 -23.59
C ASP A 225 -18.29 -25.14 -22.28
N ASN A 226 -17.63 -24.41 -21.38
CA ASN A 226 -17.21 -24.94 -20.09
C ASN A 226 -16.10 -25.98 -20.11
N SER A 227 -15.43 -26.14 -21.24
CA SER A 227 -14.33 -27.10 -21.35
C SER A 227 -13.02 -26.36 -21.56
N TRP A 228 -12.05 -26.64 -20.69
CA TRP A 228 -10.73 -26.02 -20.77
C TRP A 228 -9.88 -26.72 -21.84
N GLY A 229 -9.05 -25.95 -22.53
CA GLY A 229 -8.19 -26.54 -23.56
C GLY A 229 -6.79 -26.79 -23.05
N SER A 230 -5.82 -26.76 -23.96
CA SER A 230 -4.43 -26.97 -23.59
C SER A 230 -3.92 -25.80 -22.75
N GLU A 231 -3.21 -26.12 -21.68
CA GLU A 231 -2.66 -25.09 -20.82
C GLU A 231 -1.33 -24.59 -21.35
N GLU A 232 -1.10 -23.28 -21.23
CA GLU A 232 0.17 -22.70 -21.65
C GLU A 232 0.78 -22.12 -20.38
N ARG A 233 2.01 -22.54 -20.08
CA ARG A 233 2.69 -22.12 -18.86
C ARG A 233 4.07 -21.51 -19.02
N SER A 234 4.54 -21.34 -20.25
CA SER A 234 5.87 -20.80 -20.50
C SER A 234 6.09 -19.41 -19.92
N LEU A 235 7.31 -19.18 -19.41
CA LEU A 235 7.69 -17.88 -18.85
C LEU A 235 9.16 -17.62 -19.18
N PRO A 236 9.50 -16.38 -19.54
CA PRO A 236 10.88 -16.02 -19.88
C PRO A 236 11.81 -15.92 -18.67
N ARG A 237 11.21 -15.70 -17.49
CA ARG A 237 11.97 -15.58 -16.26
C ARG A 237 11.12 -16.08 -15.08
N LYS A 238 11.55 -15.75 -13.86
CA LYS A 238 10.84 -16.17 -12.65
C LYS A 238 9.46 -15.52 -12.52
N MET A 239 8.63 -16.07 -11.64
CA MET A 239 7.28 -15.56 -11.38
C MET A 239 7.39 -14.05 -11.18
N PRO A 240 6.74 -13.27 -12.07
CA PRO A 240 6.76 -11.80 -12.01
C PRO A 240 5.95 -11.12 -10.90
N PHE A 241 4.97 -11.83 -10.34
CA PHE A 241 4.15 -11.26 -9.27
C PHE A 241 4.75 -11.61 -7.91
N VAL A 242 4.61 -10.69 -6.95
CA VAL A 242 5.12 -10.86 -5.58
C VAL A 242 4.00 -10.61 -4.59
N ARG A 243 3.90 -11.45 -3.56
CA ARG A 243 2.86 -11.30 -2.56
C ARG A 243 2.97 -9.98 -1.79
N GLY A 244 1.87 -9.23 -1.76
CA GLY A 244 1.83 -7.97 -1.06
C GLY A 244 2.30 -6.78 -1.90
N GLN A 245 2.83 -7.07 -3.09
CA GLN A 245 3.37 -6.03 -3.95
C GLN A 245 2.45 -5.58 -5.08
N SER A 246 2.44 -4.28 -5.35
CA SER A 246 1.63 -3.71 -6.41
C SER A 246 2.17 -4.16 -7.76
N PHE A 247 1.33 -4.14 -8.78
CA PHE A 247 1.75 -4.56 -10.11
C PHE A 247 0.90 -3.90 -11.17
N SER A 248 1.32 -4.08 -12.42
CA SER A 248 0.59 -3.57 -13.56
C SER A 248 0.72 -4.63 -14.63
N VAL A 249 -0.33 -4.78 -15.42
CA VAL A 249 -0.34 -5.75 -16.49
C VAL A 249 -1.02 -5.10 -17.69
N TRP A 250 -0.49 -5.33 -18.88
CA TRP A 250 -1.18 -4.85 -20.07
C TRP A 250 -1.32 -6.02 -21.01
N ILE A 251 -2.44 -6.04 -21.71
CA ILE A 251 -2.73 -7.09 -22.67
C ILE A 251 -2.99 -6.37 -23.99
N LEU A 252 -2.14 -6.65 -24.98
CA LEU A 252 -2.26 -6.03 -26.29
C LEU A 252 -2.79 -7.03 -27.30
N CYS A 253 -3.88 -6.67 -27.96
CA CYS A 253 -4.47 -7.55 -28.96
C CYS A 253 -3.89 -7.25 -30.35
N GLU A 254 -3.41 -8.29 -31.01
CA GLU A 254 -2.88 -8.19 -32.35
C GLU A 254 -3.77 -9.10 -33.19
N ALA A 255 -3.61 -9.07 -34.50
CA ALA A 255 -4.45 -9.90 -35.36
C ALA A 255 -4.35 -11.39 -35.09
N HIS A 256 -3.14 -11.86 -34.80
CA HIS A 256 -2.89 -13.29 -34.58
C HIS A 256 -2.76 -13.73 -33.13
N CYS A 257 -2.49 -12.79 -32.22
CA CYS A 257 -2.31 -13.17 -30.82
C CYS A 257 -2.49 -12.01 -29.86
N LEU A 258 -2.40 -12.36 -28.58
CA LEU A 258 -2.48 -11.39 -27.49
C LEU A 258 -1.06 -11.36 -26.96
N LYS A 259 -0.58 -10.18 -26.61
CA LYS A 259 0.75 -10.04 -26.04
C LYS A 259 0.56 -9.54 -24.63
N VAL A 260 1.22 -10.19 -23.68
CA VAL A 260 1.08 -9.82 -22.28
C VAL A 260 2.38 -9.47 -21.60
N ALA A 261 2.37 -8.35 -20.88
CA ALA A 261 3.54 -7.90 -20.14
C ALA A 261 3.12 -7.58 -18.70
N VAL A 262 4.06 -7.77 -17.78
CA VAL A 262 3.80 -7.50 -16.37
C VAL A 262 4.92 -6.59 -15.88
N ASP A 263 4.54 -5.46 -15.31
CA ASP A 263 5.49 -4.48 -14.80
C ASP A 263 6.49 -4.07 -15.87
N GLY A 264 6.01 -3.96 -17.11
CA GLY A 264 6.88 -3.56 -18.20
C GLY A 264 7.74 -4.63 -18.86
N GLN A 265 7.61 -5.88 -18.45
CA GLN A 265 8.42 -6.93 -19.07
C GLN A 265 7.54 -7.91 -19.84
N HIS A 266 7.79 -8.06 -21.14
CA HIS A 266 7.02 -8.99 -21.95
C HIS A 266 7.11 -10.37 -21.34
N LEU A 267 5.96 -11.01 -21.13
CA LEU A 267 5.93 -12.34 -20.55
C LEU A 267 5.68 -13.44 -21.57
N PHE A 268 4.71 -13.22 -22.45
CA PHE A 268 4.37 -14.23 -23.45
C PHE A 268 3.35 -13.73 -24.47
N GLU A 269 3.14 -14.56 -25.48
CA GLU A 269 2.14 -14.32 -26.52
C GLU A 269 1.16 -15.46 -26.35
N TYR A 270 -0.09 -15.23 -26.71
CA TYR A 270 -1.11 -16.26 -26.62
C TYR A 270 -1.88 -16.16 -27.92
N TYR A 271 -1.67 -17.11 -28.82
CA TYR A 271 -2.37 -17.08 -30.09
C TYR A 271 -3.87 -17.28 -29.90
N HIS A 272 -4.65 -16.50 -30.66
CA HIS A 272 -6.09 -16.56 -30.59
C HIS A 272 -6.68 -17.93 -30.88
N ARG A 273 -7.56 -18.39 -30.01
CA ARG A 273 -8.24 -19.67 -30.18
C ARG A 273 -9.68 -19.31 -30.53
N LEU A 274 -10.16 -18.22 -29.92
CA LEU A 274 -11.50 -17.70 -30.19
C LEU A 274 -11.13 -16.52 -31.08
N ARG A 275 -11.45 -16.63 -32.38
CA ARG A 275 -11.08 -15.63 -33.36
C ARG A 275 -11.98 -14.43 -33.69
N ASN A 276 -13.24 -14.47 -33.30
CA ASN A 276 -14.14 -13.35 -33.58
C ASN A 276 -13.88 -12.29 -32.51
N LEU A 277 -12.79 -11.55 -32.67
CA LEU A 277 -12.38 -10.54 -31.70
C LEU A 277 -13.42 -9.58 -31.14
N PRO A 278 -14.28 -8.98 -31.99
CA PRO A 278 -15.27 -8.06 -31.44
C PRO A 278 -16.21 -8.68 -30.41
N THR A 279 -16.37 -10.00 -30.44
CA THR A 279 -17.26 -10.67 -29.49
C THR A 279 -16.63 -10.85 -28.11
N ILE A 280 -15.33 -10.67 -28.02
CA ILE A 280 -14.63 -10.78 -26.75
C ILE A 280 -14.84 -9.41 -26.11
N ASN A 281 -16.01 -9.24 -25.50
CA ASN A 281 -16.40 -7.96 -24.93
C ASN A 281 -16.64 -7.89 -23.42
N ARG A 282 -16.07 -8.82 -22.66
CA ARG A 282 -16.25 -8.79 -21.22
C ARG A 282 -14.95 -9.14 -20.50
N LEU A 283 -14.63 -8.34 -19.48
CA LEU A 283 -13.43 -8.56 -18.68
C LEU A 283 -13.88 -8.98 -17.29
N GLU A 284 -13.28 -10.03 -16.75
CA GLU A 284 -13.61 -10.48 -15.40
C GLU A 284 -12.31 -10.68 -14.64
N VAL A 285 -12.25 -10.15 -13.43
CA VAL A 285 -11.07 -10.26 -12.58
C VAL A 285 -11.50 -10.82 -11.23
N GLY A 286 -10.82 -11.85 -10.77
CA GLY A 286 -11.16 -12.42 -9.47
C GLY A 286 -9.93 -12.96 -8.78
N GLY A 287 -10.07 -13.28 -7.50
CA GLY A 287 -8.94 -13.82 -6.78
C GLY A 287 -8.37 -12.94 -5.68
N ASP A 288 -7.15 -13.31 -5.29
CA ASP A 288 -6.46 -12.64 -4.20
C ASP A 288 -5.66 -11.38 -4.52
N ILE A 289 -6.36 -10.36 -5.03
CA ILE A 289 -5.71 -9.09 -5.35
C ILE A 289 -6.67 -7.95 -5.02
N GLN A 290 -6.14 -6.74 -5.04
CA GLN A 290 -6.95 -5.53 -4.84
C GLN A 290 -6.70 -4.79 -6.14
N LEU A 291 -7.74 -4.22 -6.75
CA LEU A 291 -7.59 -3.49 -7.99
C LEU A 291 -7.45 -1.99 -7.76
N THR A 292 -6.60 -1.36 -8.57
CA THR A 292 -6.34 0.07 -8.46
C THR A 292 -6.84 0.80 -9.70
N HIS A 293 -6.54 0.23 -10.87
CA HIS A 293 -6.96 0.81 -12.14
C HIS A 293 -7.31 -0.28 -13.14
N VAL A 294 -8.27 0.02 -14.00
CA VAL A 294 -8.67 -0.88 -15.05
C VAL A 294 -9.09 -0.01 -16.22
N GLN A 295 -8.53 -0.29 -17.38
CA GLN A 295 -8.89 0.45 -18.57
C GLN A 295 -9.20 -0.57 -19.65
N THR A 296 -10.42 -0.51 -20.16
CA THR A 296 -10.87 -1.41 -21.20
C THR A 296 -11.34 -0.59 -22.40
N GLY B 5 -0.23 -18.16 26.33
CA GLY B 5 -1.38 -17.52 25.63
C GLY B 5 -0.92 -16.50 24.61
N SER B 6 -1.01 -15.23 24.98
CA SER B 6 -0.59 -14.13 24.09
C SER B 6 -0.46 -12.86 24.91
N GLN B 7 0.75 -12.30 24.92
CA GLN B 7 1.04 -11.09 25.67
C GLN B 7 0.20 -9.88 25.27
N ALA B 8 -0.19 -9.07 26.25
CA ALA B 8 -0.96 -7.86 26.00
C ALA B 8 -0.04 -6.88 25.29
N PRO B 9 -0.59 -6.04 24.41
CA PRO B 9 0.21 -5.08 23.66
C PRO B 9 0.67 -3.85 24.45
N TYR B 10 1.71 -3.19 23.94
CA TYR B 10 2.22 -1.95 24.52
C TYR B 10 1.52 -0.87 23.72
N LEU B 11 0.76 -0.01 24.40
CA LEU B 11 0.02 1.05 23.72
C LEU B 11 0.74 2.39 23.76
N SER B 12 0.87 3.01 22.59
CA SER B 12 1.54 4.30 22.46
C SER B 12 2.77 4.44 23.36
N PRO B 13 3.67 3.44 23.32
CA PRO B 13 4.87 3.52 24.16
C PRO B 13 5.76 4.67 23.71
N ALA B 14 6.24 5.46 24.67
CA ALA B 14 7.10 6.59 24.33
C ALA B 14 8.52 6.12 24.02
N VAL B 15 9.19 6.81 23.09
CA VAL B 15 10.56 6.45 22.75
C VAL B 15 11.49 7.37 23.51
N PRO B 16 12.64 6.86 23.96
CA PRO B 16 13.07 5.47 23.78
C PRO B 16 12.23 4.51 24.61
N PHE B 17 11.89 3.38 24.01
CA PHE B 17 11.07 2.37 24.67
C PHE B 17 11.83 1.05 24.85
N SER B 18 11.53 0.36 25.95
CA SER B 18 12.11 -0.93 26.25
C SER B 18 11.03 -1.72 26.97
N GLY B 19 10.67 -2.87 26.41
CA GLY B 19 9.65 -3.69 27.03
C GLY B 19 9.98 -5.16 26.98
N THR B 20 9.54 -5.88 28.01
CA THR B 20 9.79 -7.30 28.07
C THR B 20 8.93 -8.06 27.08
N ILE B 21 9.48 -9.14 26.56
CA ILE B 21 8.77 -10.01 25.65
C ILE B 21 8.53 -11.23 26.53
N GLN B 22 7.29 -11.41 26.96
CA GLN B 22 6.95 -12.52 27.84
C GLN B 22 7.32 -13.87 27.23
N GLY B 23 8.10 -14.64 27.97
CA GLY B 23 8.52 -15.94 27.49
C GLY B 23 9.70 -15.86 26.53
N GLY B 24 10.15 -14.64 26.26
CA GLY B 24 11.25 -14.46 25.32
C GLY B 24 10.82 -14.78 23.91
N LEU B 25 11.73 -14.63 22.95
CA LEU B 25 11.40 -14.94 21.56
C LEU B 25 11.16 -16.43 21.44
N GLN B 26 10.18 -16.79 20.62
CA GLN B 26 9.84 -18.19 20.40
C GLN B 26 9.59 -18.43 18.93
N ASP B 27 9.89 -19.65 18.48
CA ASP B 27 9.67 -20.03 17.10
C ASP B 27 8.18 -19.85 16.82
N GLY B 28 7.84 -19.02 15.83
CA GLY B 28 6.45 -18.80 15.50
C GLY B 28 5.87 -17.51 16.06
N LEU B 29 6.63 -16.83 16.92
CA LEU B 29 6.17 -15.57 17.51
C LEU B 29 6.26 -14.43 16.50
N GLN B 30 5.19 -13.66 16.39
CA GLN B 30 5.13 -12.52 15.50
C GLN B 30 4.99 -11.25 16.31
N ILE B 31 5.91 -10.30 16.09
CA ILE B 31 5.86 -9.04 16.80
C ILE B 31 5.49 -7.95 15.81
N THR B 32 4.37 -7.30 16.05
CA THR B 32 3.91 -6.24 15.16
C THR B 32 4.18 -4.86 15.75
N VAL B 33 4.83 -4.01 14.97
CA VAL B 33 5.12 -2.65 15.39
C VAL B 33 4.41 -1.66 14.47
N ASN B 34 3.52 -0.86 15.02
CA ASN B 34 2.81 0.16 14.24
C ASN B 34 3.30 1.51 14.73
N GLY B 35 3.76 2.34 13.81
CA GLY B 35 4.25 3.66 14.18
C GLY B 35 4.33 4.56 12.97
N THR B 36 4.91 5.75 13.17
CA THR B 36 5.07 6.72 12.10
C THR B 36 6.45 7.35 12.21
N VAL B 37 7.17 7.43 11.09
CA VAL B 37 8.49 8.04 11.10
C VAL B 37 8.28 9.55 11.23
N LEU B 38 9.04 10.18 12.13
CA LEU B 38 8.92 11.61 12.35
C LEU B 38 9.66 12.43 11.30
N SER B 39 9.23 13.69 11.14
CA SER B 39 9.85 14.60 10.19
C SER B 39 10.43 15.79 10.96
N SER B 40 10.28 15.74 12.29
CA SER B 40 10.73 16.84 13.14
C SER B 40 11.86 16.54 14.12
N SER B 41 12.68 15.52 13.83
CA SER B 41 13.77 15.20 14.75
C SER B 41 15.04 14.70 14.05
N GLY B 42 15.32 13.41 14.17
CA GLY B 42 16.51 12.85 13.56
C GLY B 42 16.32 12.27 12.18
N THR B 43 17.26 11.42 11.78
CA THR B 43 17.24 10.79 10.46
C THR B 43 17.26 9.25 10.52
N ARG B 44 17.10 8.70 11.72
CA ARG B 44 17.11 7.26 11.91
C ARG B 44 16.19 6.85 13.03
N PHE B 45 15.88 5.57 13.07
CA PHE B 45 15.10 4.97 14.14
C PHE B 45 15.52 3.50 14.17
N ALA B 46 15.33 2.85 15.30
CA ALA B 46 15.74 1.46 15.38
C ALA B 46 14.82 0.59 16.23
N VAL B 47 14.73 -0.67 15.84
CA VAL B 47 13.96 -1.66 16.58
C VAL B 47 14.99 -2.71 16.95
N ASN B 48 15.12 -2.95 18.25
CA ASN B 48 16.10 -3.89 18.77
C ASN B 48 15.51 -5.05 19.57
N PHE B 49 15.95 -6.25 19.25
CA PHE B 49 15.54 -7.45 19.97
C PHE B 49 16.81 -7.73 20.74
N GLN B 50 16.74 -7.52 22.05
CA GLN B 50 17.91 -7.65 22.91
C GLN B 50 17.74 -8.47 24.18
N THR B 51 18.81 -8.52 24.96
CA THR B 51 18.84 -9.24 26.23
C THR B 51 18.79 -8.22 27.37
N GLY B 52 17.64 -8.15 28.04
CA GLY B 52 17.50 -7.20 29.14
C GLY B 52 17.27 -5.79 28.64
N PHE B 53 17.05 -4.86 29.58
CA PHE B 53 16.81 -3.47 29.25
C PHE B 53 18.06 -2.62 29.04
N SER B 54 19.23 -3.18 29.35
CA SER B 54 20.47 -2.43 29.21
C SER B 54 20.69 -1.93 27.79
N GLY B 55 20.45 -2.81 26.82
CA GLY B 55 20.66 -2.44 25.44
C GLY B 55 22.10 -2.65 25.03
N ASN B 56 22.84 -3.42 25.83
CA ASN B 56 24.25 -3.69 25.53
C ASN B 56 24.37 -4.78 24.47
N ASP B 57 23.72 -5.92 24.70
CA ASP B 57 23.74 -6.99 23.72
C ASP B 57 22.44 -6.92 22.92
N ILE B 58 22.55 -6.87 21.61
CA ILE B 58 21.38 -6.80 20.74
C ILE B 58 21.48 -7.92 19.71
N ALA B 59 20.59 -8.90 19.82
CA ALA B 59 20.58 -10.04 18.91
C ALA B 59 20.22 -9.62 17.48
N PHE B 60 19.33 -8.65 17.36
CA PHE B 60 18.91 -8.17 16.04
C PHE B 60 18.58 -6.68 16.11
N HIS B 61 19.41 -5.90 15.42
CA HIS B 61 19.28 -4.44 15.34
C HIS B 61 18.75 -4.14 13.93
N PHE B 62 17.55 -3.55 13.87
CA PHE B 62 16.90 -3.19 12.60
C PHE B 62 16.92 -1.67 12.57
N ASN B 63 17.78 -1.13 11.72
CA ASN B 63 18.04 0.31 11.66
C ASN B 63 17.80 1.05 10.34
N PRO B 64 16.57 1.54 10.10
CA PRO B 64 16.29 2.26 8.85
C PRO B 64 16.97 3.64 8.96
N ARG B 65 17.64 4.07 7.90
CA ARG B 65 18.34 5.36 7.91
C ARG B 65 17.94 6.25 6.74
N PHE B 66 17.42 7.44 7.04
CA PHE B 66 17.04 8.38 6.00
C PHE B 66 18.24 9.24 5.68
N GLU B 67 19.24 8.58 5.10
CA GLU B 67 20.50 9.22 4.75
C GLU B 67 21.02 8.61 3.46
N ASP B 68 21.83 9.38 2.74
CA ASP B 68 22.44 8.93 1.49
C ASP B 68 21.48 8.23 0.52
N GLY B 69 20.27 8.74 0.39
CA GLY B 69 19.34 8.11 -0.54
C GLY B 69 18.41 7.11 0.13
N GLY B 70 18.71 6.77 1.38
CA GLY B 70 17.86 5.84 2.11
C GLY B 70 18.28 4.39 2.06
N TYR B 71 18.51 3.80 3.23
CA TYR B 71 18.90 2.40 3.30
C TYR B 71 18.62 1.87 4.70
N VAL B 72 18.73 0.57 4.89
CA VAL B 72 18.47 -0.02 6.19
C VAL B 72 19.61 -0.94 6.59
N VAL B 73 20.04 -0.81 7.84
CA VAL B 73 21.12 -1.63 8.38
C VAL B 73 20.60 -2.69 9.33
N CYS B 74 21.08 -3.92 9.17
CA CYS B 74 20.70 -5.01 10.04
C CYS B 74 22.01 -5.54 10.63
N ASN B 75 22.08 -5.68 11.95
CA ASN B 75 23.30 -6.19 12.56
C ASN B 75 23.02 -6.76 13.96
N THR B 76 24.08 -7.28 14.58
CA THR B 76 24.01 -7.87 15.90
C THR B 76 25.18 -7.34 16.72
N ARG B 77 24.93 -7.04 17.99
CA ARG B 77 26.00 -6.58 18.87
C ARG B 77 26.12 -7.54 20.05
N GLN B 78 27.32 -8.10 20.23
CA GLN B 78 27.60 -9.02 21.32
C GLN B 78 28.95 -8.65 21.91
N ASN B 79 29.08 -8.79 23.23
CA ASN B 79 30.34 -8.48 23.91
C ASN B 79 30.92 -7.15 23.48
N GLY B 80 30.06 -6.14 23.40
CA GLY B 80 30.49 -4.80 23.04
C GLY B 80 30.94 -4.61 21.60
N SER B 81 30.67 -5.57 20.73
CA SER B 81 31.10 -5.44 19.34
C SER B 81 29.99 -5.68 18.33
N TRP B 82 29.99 -4.87 17.27
CA TRP B 82 29.01 -5.02 16.21
C TRP B 82 29.61 -5.99 15.21
N GLY B 83 28.76 -6.84 14.64
CA GLY B 83 29.27 -7.79 13.66
C GLY B 83 29.21 -7.15 12.29
N PRO B 84 29.28 -7.94 11.22
CA PRO B 84 29.22 -7.39 9.86
C PRO B 84 27.80 -6.95 9.54
N GLU B 85 27.65 -5.71 9.08
CA GLU B 85 26.32 -5.20 8.73
C GLU B 85 25.74 -5.87 7.49
N GLU B 86 24.42 -6.04 7.50
CA GLU B 86 23.70 -6.59 6.36
C GLU B 86 22.83 -5.41 5.93
N ARG B 87 23.13 -4.83 4.77
CA ARG B 87 22.38 -3.69 4.30
C ARG B 87 21.41 -3.92 3.15
N LYS B 88 20.31 -3.17 3.20
CA LYS B 88 19.30 -3.20 2.16
C LYS B 88 19.43 -1.80 1.59
N THR B 89 19.72 -1.68 0.30
CA THR B 89 19.92 -0.37 -0.31
C THR B 89 18.65 0.34 -0.78
N HIS B 90 17.49 -0.10 -0.31
CA HIS B 90 16.25 0.58 -0.65
C HIS B 90 15.52 0.86 0.65
N MET B 91 14.68 1.89 0.65
CA MET B 91 13.96 2.30 1.86
C MET B 91 12.46 2.10 1.74
N PRO B 92 11.89 1.20 2.56
CA PRO B 92 10.45 0.91 2.54
C PRO B 92 9.60 1.81 3.42
N PHE B 93 10.25 2.68 4.19
CA PHE B 93 9.54 3.59 5.08
C PHE B 93 9.51 4.99 4.46
N GLN B 94 8.66 5.85 5.02
CA GLN B 94 8.53 7.21 4.51
C GLN B 94 8.24 8.14 5.67
N LYS B 95 8.98 9.25 5.74
CA LYS B 95 8.78 10.23 6.81
C LYS B 95 7.35 10.72 6.83
N GLY B 96 6.79 10.81 8.04
CA GLY B 96 5.42 11.28 8.20
C GLY B 96 4.36 10.26 7.84
N MET B 97 4.78 9.09 7.38
CA MET B 97 3.84 8.05 6.98
C MET B 97 3.77 6.86 7.93
N PRO B 98 2.54 6.48 8.34
CA PRO B 98 2.35 5.35 9.26
C PRO B 98 2.80 4.07 8.56
N PHE B 99 3.40 3.15 9.32
CA PHE B 99 3.88 1.91 8.75
C PHE B 99 3.48 0.71 9.59
N ASP B 100 3.52 -0.46 8.97
CA ASP B 100 3.23 -1.72 9.65
C ASP B 100 4.54 -2.50 9.52
N LEU B 101 5.19 -2.72 10.65
CA LEU B 101 6.47 -3.44 10.67
C LEU B 101 6.32 -4.72 11.47
N CYS B 102 6.34 -5.84 10.78
CA CYS B 102 6.18 -7.12 11.46
C CYS B 102 7.40 -8.05 11.41
N PHE B 103 7.74 -8.58 12.57
CA PHE B 103 8.86 -9.49 12.74
C PHE B 103 8.32 -10.89 13.04
N LEU B 104 8.67 -11.87 12.22
CA LEU B 104 8.22 -13.23 12.45
C LEU B 104 9.44 -14.06 12.83
N VAL B 105 9.42 -14.62 14.02
CA VAL B 105 10.53 -15.45 14.49
C VAL B 105 10.39 -16.88 13.99
N GLN B 106 11.43 -17.35 13.31
CA GLN B 106 11.46 -18.72 12.80
C GLN B 106 12.68 -19.40 13.40
N SER B 107 12.75 -20.73 13.30
CA SER B 107 13.85 -21.49 13.87
C SER B 107 15.24 -21.03 13.45
N SER B 108 15.38 -20.59 12.19
CA SER B 108 16.69 -20.16 11.70
C SER B 108 16.84 -18.66 11.43
N ASP B 109 15.73 -17.93 11.36
CA ASP B 109 15.84 -16.51 11.04
C ASP B 109 14.64 -15.66 11.44
N PHE B 110 14.79 -14.36 11.20
CA PHE B 110 13.75 -13.37 11.45
C PHE B 110 13.23 -13.04 10.06
N LYS B 111 11.91 -13.04 9.90
CA LYS B 111 11.31 -12.67 8.63
C LYS B 111 10.73 -11.28 8.93
N VAL B 112 11.19 -10.28 8.19
CA VAL B 112 10.73 -8.91 8.40
C VAL B 112 9.88 -8.39 7.26
N MET B 113 8.63 -8.06 7.57
CA MET B 113 7.69 -7.55 6.59
C MET B 113 7.35 -6.09 6.87
N VAL B 114 7.39 -5.28 5.81
CA VAL B 114 7.06 -3.87 5.92
C VAL B 114 5.86 -3.62 5.02
N ASN B 115 4.76 -3.19 5.64
CA ASN B 115 3.53 -2.94 4.93
C ASN B 115 3.09 -4.13 4.08
N GLY B 116 3.17 -5.32 4.68
CA GLY B 116 2.75 -6.54 4.00
C GLY B 116 3.73 -7.23 3.07
N ILE B 117 4.88 -6.60 2.82
CA ILE B 117 5.87 -7.18 1.93
C ILE B 117 7.14 -7.63 2.64
N LEU B 118 7.59 -8.84 2.33
CA LEU B 118 8.81 -9.38 2.91
C LEU B 118 9.93 -8.46 2.49
N PHE B 119 10.57 -7.82 3.46
CA PHE B 119 11.64 -6.87 3.20
C PHE B 119 13.02 -7.43 3.53
N VAL B 120 13.10 -8.11 4.68
CA VAL B 120 14.37 -8.66 5.13
C VAL B 120 14.25 -10.04 5.76
N GLN B 121 15.30 -10.84 5.56
CA GLN B 121 15.42 -12.17 6.14
C GLN B 121 16.74 -12.07 6.89
N TYR B 122 16.70 -12.23 8.22
CA TYR B 122 17.91 -12.12 9.02
C TYR B 122 18.15 -13.39 9.82
N PHE B 123 19.17 -14.16 9.43
CA PHE B 123 19.50 -15.39 10.12
C PHE B 123 19.96 -15.11 11.55
N HIS B 124 19.51 -15.91 12.50
CA HIS B 124 19.89 -15.72 13.89
C HIS B 124 21.42 -15.85 14.07
N ARG B 125 22.01 -14.90 14.78
CA ARG B 125 23.46 -14.94 15.03
C ARG B 125 23.64 -15.29 16.50
N VAL B 126 22.67 -14.88 17.30
CA VAL B 126 22.64 -15.12 18.73
C VAL B 126 21.39 -15.97 18.97
N PRO B 127 21.48 -17.00 19.83
CA PRO B 127 20.30 -17.84 20.07
C PRO B 127 19.11 -16.95 20.37
N PHE B 128 17.99 -17.16 19.68
CA PHE B 128 16.82 -16.31 19.91
C PHE B 128 16.23 -16.39 21.31
N HIS B 129 16.49 -17.48 22.02
CA HIS B 129 15.96 -17.63 23.37
C HIS B 129 16.58 -16.59 24.31
N ARG B 130 17.71 -16.02 23.91
CA ARG B 130 18.37 -15.02 24.74
C ARG B 130 17.71 -13.65 24.65
N VAL B 131 16.76 -13.50 23.74
CA VAL B 131 16.06 -12.24 23.58
C VAL B 131 14.78 -12.24 24.41
N ASP B 132 14.73 -11.33 25.37
CA ASP B 132 13.56 -11.21 26.24
C ASP B 132 13.10 -9.76 26.27
N THR B 133 13.65 -8.96 25.36
CA THR B 133 13.30 -7.55 25.34
C THR B 133 13.29 -6.93 23.95
N ILE B 134 12.33 -6.04 23.71
CA ILE B 134 12.26 -5.32 22.46
C ILE B 134 12.42 -3.85 22.83
N SER B 135 13.30 -3.16 22.12
CA SER B 135 13.53 -1.76 22.37
C SER B 135 13.39 -0.98 21.07
N VAL B 136 12.91 0.25 21.17
CA VAL B 136 12.75 1.10 20.00
C VAL B 136 13.20 2.50 20.34
N ASN B 137 14.03 3.10 19.49
CA ASN B 137 14.50 4.46 19.71
C ASN B 137 14.63 5.19 18.38
N GLY B 138 14.88 6.49 18.45
CA GLY B 138 15.03 7.25 17.23
C GLY B 138 13.83 8.09 16.84
N SER B 139 13.84 8.56 15.60
CA SER B 139 12.79 9.42 15.07
C SER B 139 11.52 8.71 14.62
N VAL B 140 10.80 8.17 15.59
CA VAL B 140 9.56 7.47 15.30
C VAL B 140 8.58 7.67 16.45
N GLN B 141 7.30 7.66 16.11
CA GLN B 141 6.23 7.78 17.10
C GLN B 141 5.52 6.44 17.02
N LEU B 142 5.28 5.82 18.16
CA LEU B 142 4.65 4.50 18.18
C LEU B 142 3.17 4.47 18.54
N SER B 143 2.44 3.64 17.81
CA SER B 143 1.01 3.45 18.05
C SER B 143 0.85 2.26 18.97
N TYR B 144 1.50 1.15 18.62
CA TYR B 144 1.45 -0.05 19.44
C TYR B 144 2.45 -1.12 19.03
N ILE B 145 2.73 -2.03 19.95
CA ILE B 145 3.60 -3.16 19.72
C ILE B 145 2.79 -4.33 20.25
N SER B 146 2.44 -5.26 19.36
CA SER B 146 1.63 -6.40 19.75
C SER B 146 2.36 -7.72 19.49
N PHE B 147 1.85 -8.79 20.11
CA PHE B 147 2.45 -10.11 20.01
C PHE B 147 1.40 -11.15 19.68
N GLN B 148 1.78 -12.11 18.84
CA GLN B 148 0.85 -13.17 18.46
C GLN B 148 1.62 -14.42 18.06
N HIS B 149 1.19 -15.56 18.59
CA HIS B 149 1.83 -16.83 18.30
C HIS B 149 1.16 -17.48 17.09
N MET B 150 1.92 -17.65 16.01
CA MET B 150 1.39 -18.24 14.79
C MET B 150 1.38 -19.77 14.89
N TYR B 159 -0.93 -17.37 8.66
CA TYR B 159 -0.66 -16.24 7.75
C TYR B 159 -0.25 -15.01 8.53
N PRO B 160 0.98 -14.50 8.30
CA PRO B 160 1.46 -13.31 9.00
C PRO B 160 0.51 -12.16 8.69
N HIS B 161 0.06 -12.08 7.43
CA HIS B 161 -0.88 -11.04 7.01
C HIS B 161 -2.05 -11.67 6.25
N PRO B 162 -3.07 -12.13 7.00
CA PRO B 162 -4.27 -12.77 6.43
C PRO B 162 -5.21 -11.80 5.74
N ALA B 163 -6.05 -12.32 4.87
CA ALA B 163 -7.01 -11.49 4.16
C ALA B 163 -8.25 -11.32 5.03
N TYR B 164 -8.60 -10.08 5.35
CA TYR B 164 -9.77 -9.81 6.18
C TYR B 164 -10.92 -9.41 5.25
N PRO B 165 -12.08 -10.07 5.40
CA PRO B 165 -13.20 -9.70 4.53
C PRO B 165 -13.79 -8.40 5.08
N MET B 166 -14.55 -7.70 4.25
CA MET B 166 -15.20 -6.46 4.66
C MET B 166 -16.65 -6.51 4.23
N PRO B 167 -17.60 -6.37 5.17
CA PRO B 167 -17.37 -6.16 6.60
C PRO B 167 -16.72 -7.35 7.30
N PHE B 168 -16.13 -7.08 8.46
CA PHE B 168 -15.48 -8.12 9.24
C PHE B 168 -16.13 -8.18 10.62
N ILE B 169 -16.61 -9.36 10.98
CA ILE B 169 -17.24 -9.57 12.27
C ILE B 169 -16.50 -10.70 12.98
N THR B 170 -16.12 -10.48 14.23
CA THR B 170 -15.42 -11.51 14.97
C THR B 170 -15.69 -11.41 16.47
N THR B 171 -15.35 -12.46 17.19
CA THR B 171 -15.58 -12.51 18.62
C THR B 171 -14.49 -11.89 19.47
N ILE B 172 -14.89 -11.29 20.59
CA ILE B 172 -13.95 -10.72 21.53
C ILE B 172 -14.14 -11.70 22.70
N LEU B 173 -13.42 -12.81 22.65
CA LEU B 173 -13.53 -13.85 23.65
C LEU B 173 -13.32 -13.36 25.08
N GLY B 174 -14.37 -13.46 25.89
CA GLY B 174 -14.30 -13.02 27.26
C GLY B 174 -14.88 -11.62 27.43
N GLY B 175 -15.03 -10.91 26.31
CA GLY B 175 -15.57 -9.57 26.39
C GLY B 175 -14.55 -8.56 26.87
N LEU B 176 -15.03 -7.41 27.32
CA LEU B 176 -14.15 -6.34 27.80
C LEU B 176 -13.95 -6.34 29.31
N TYR B 177 -12.92 -5.62 29.75
CA TYR B 177 -12.58 -5.49 31.16
C TYR B 177 -11.48 -4.46 31.27
N PRO B 178 -11.26 -3.90 32.47
CA PRO B 178 -10.21 -2.89 32.62
C PRO B 178 -8.84 -3.45 32.20
N SER B 179 -8.20 -2.76 31.26
CA SER B 179 -6.89 -3.08 30.69
C SER B 179 -7.00 -3.82 29.34
N LYS B 180 -8.21 -4.26 28.99
CA LYS B 180 -8.41 -4.96 27.73
C LYS B 180 -8.26 -3.98 26.57
N SER B 181 -7.54 -4.40 25.52
CA SER B 181 -7.36 -3.53 24.36
C SER B 181 -7.77 -4.22 23.07
N ILE B 182 -8.22 -3.41 22.11
CA ILE B 182 -8.62 -3.90 20.80
C ILE B 182 -7.74 -3.15 19.82
N LEU B 183 -7.08 -3.88 18.93
CA LEU B 183 -6.18 -3.27 17.96
C LEU B 183 -6.64 -3.47 16.53
N LEU B 184 -6.50 -2.44 15.72
CA LEU B 184 -6.87 -2.52 14.32
C LEU B 184 -5.85 -1.78 13.46
N SER B 185 -5.39 -2.43 12.40
CA SER B 185 -4.46 -1.82 11.46
C SER B 185 -5.10 -2.01 10.10
N GLY B 186 -5.01 -0.99 9.26
CA GLY B 186 -5.60 -1.11 7.93
C GLY B 186 -5.29 0.11 7.09
N THR B 187 -6.05 0.28 6.02
CA THR B 187 -5.84 1.39 5.13
C THR B 187 -7.17 2.00 4.68
N VAL B 188 -7.23 3.33 4.69
CA VAL B 188 -8.44 4.01 4.24
C VAL B 188 -8.38 4.01 2.71
N LEU B 189 -9.45 3.60 2.05
CA LEU B 189 -9.48 3.59 0.58
C LEU B 189 -9.41 5.04 0.07
N PRO B 190 -8.72 5.26 -1.06
CA PRO B 190 -8.61 6.60 -1.64
C PRO B 190 -9.97 7.28 -1.83
N SER B 191 -10.96 6.48 -2.21
CA SER B 191 -12.31 6.99 -2.46
C SER B 191 -13.22 6.94 -1.24
N ALA B 192 -12.65 6.59 -0.08
CA ALA B 192 -13.43 6.47 1.14
C ALA B 192 -14.38 7.62 1.50
N GLN B 193 -15.58 7.24 1.94
CA GLN B 193 -16.58 8.21 2.37
C GLN B 193 -16.64 8.10 3.88
N SER B 194 -16.55 6.88 4.39
CA SER B 194 -16.58 6.62 5.83
C SER B 194 -16.43 5.13 6.13
N PHE B 195 -16.20 4.82 7.40
CA PHE B 195 -16.10 3.44 7.84
C PHE B 195 -16.46 3.44 9.31
N HIS B 196 -16.67 2.26 9.89
CA HIS B 196 -17.03 2.21 11.30
C HIS B 196 -16.53 0.98 12.02
N ILE B 197 -16.40 1.12 13.33
CA ILE B 197 -15.96 0.04 14.20
C ILE B 197 -16.98 -0.05 15.33
N ASN B 198 -17.61 -1.22 15.48
CA ASN B 198 -18.60 -1.42 16.53
C ASN B 198 -18.17 -2.48 17.54
N LEU B 199 -18.37 -2.18 18.82
CA LEU B 199 -18.10 -3.11 19.89
C LEU B 199 -19.53 -3.44 20.33
N CYS B 200 -19.94 -4.68 20.13
CA CYS B 200 -21.32 -5.07 20.43
C CYS B 200 -21.56 -5.98 21.60
N SER B 201 -22.75 -5.85 22.16
CA SER B 201 -23.22 -6.65 23.28
C SER B 201 -24.63 -7.07 22.86
N GLY B 202 -24.78 -8.34 22.50
CA GLY B 202 -26.08 -8.80 22.03
C GLY B 202 -26.40 -8.06 20.75
N ASN B 203 -27.59 -7.47 20.66
CA ASN B 203 -27.98 -6.72 19.47
C ASN B 203 -27.62 -5.24 19.63
N HIS B 204 -27.13 -4.88 20.81
CA HIS B 204 -26.77 -3.49 21.08
C HIS B 204 -25.34 -3.16 20.66
N ILE B 205 -25.09 -1.90 20.41
CA ILE B 205 -23.75 -1.44 20.04
C ILE B 205 -23.26 -0.59 21.20
N ALA B 206 -22.42 -1.18 22.04
CA ALA B 206 -21.89 -0.48 23.21
C ALA B 206 -21.06 0.73 22.80
N PHE B 207 -20.35 0.59 21.68
CA PHE B 207 -19.49 1.67 21.20
C PHE B 207 -19.42 1.62 19.67
N HIS B 208 -19.77 2.75 19.07
CA HIS B 208 -19.78 2.95 17.62
C HIS B 208 -18.77 4.05 17.31
N LEU B 209 -17.72 3.71 16.57
CA LEU B 209 -16.68 4.65 16.17
C LEU B 209 -16.84 4.83 14.66
N ASN B 210 -17.26 6.03 14.25
CA ASN B 210 -17.55 6.29 12.84
C ASN B 210 -16.83 7.47 12.17
N PRO B 211 -15.64 7.23 11.62
CA PRO B 211 -14.88 8.30 10.94
C PRO B 211 -15.59 8.59 9.62
N ARG B 212 -15.89 9.87 9.36
CA ARG B 212 -16.57 10.28 8.13
C ARG B 212 -15.71 11.31 7.40
N PHE B 213 -15.21 10.92 6.23
CA PHE B 213 -14.35 11.79 5.44
C PHE B 213 -15.09 12.91 4.73
N ASP B 214 -16.27 12.59 4.22
CA ASP B 214 -17.09 13.57 3.52
C ASP B 214 -17.54 14.67 4.48
N GLU B 215 -17.99 14.26 5.66
CA GLU B 215 -18.44 15.20 6.69
C GLU B 215 -17.26 15.73 7.48
N ASN B 216 -16.13 15.03 7.39
CA ASN B 216 -14.91 15.39 8.09
C ASN B 216 -15.13 15.39 9.61
N ALA B 217 -15.52 14.23 10.13
CA ALA B 217 -15.78 14.10 11.55
C ALA B 217 -15.59 12.67 12.01
N VAL B 218 -15.38 12.51 13.31
CA VAL B 218 -15.23 11.20 13.91
C VAL B 218 -16.37 11.12 14.93
N VAL B 219 -17.45 10.47 14.53
CA VAL B 219 -18.63 10.34 15.37
C VAL B 219 -18.63 9.09 16.26
N ARG B 220 -18.94 9.28 17.53
CA ARG B 220 -19.00 8.17 18.48
C ARG B 220 -20.39 8.16 19.11
N ASN B 221 -20.94 6.97 19.31
CA ASN B 221 -22.27 6.84 19.90
C ASN B 221 -22.49 5.43 20.40
N THR B 222 -23.67 5.22 20.97
CA THR B 222 -24.09 3.93 21.51
C THR B 222 -25.51 3.67 21.05
N GLN B 223 -25.81 2.43 20.67
CA GLN B 223 -27.16 2.10 20.23
C GLN B 223 -27.72 1.00 21.14
N ILE B 224 -28.79 1.33 21.85
CA ILE B 224 -29.44 0.40 22.76
C ILE B 224 -30.91 0.36 22.39
N ASP B 225 -31.49 -0.84 22.35
CA ASP B 225 -32.89 -0.99 21.99
C ASP B 225 -33.12 -0.36 20.61
N ASN B 226 -32.12 -0.45 19.75
CA ASN B 226 -32.16 0.08 18.39
C ASN B 226 -32.30 1.60 18.29
N SER B 227 -31.92 2.31 19.35
CA SER B 227 -31.99 3.77 19.34
C SER B 227 -30.60 4.34 19.65
N TRP B 228 -30.17 5.31 18.86
CA TRP B 228 -28.88 5.95 19.05
C TRP B 228 -29.01 7.00 20.15
N GLY B 229 -27.94 7.19 20.93
CA GLY B 229 -27.98 8.18 21.98
C GLY B 229 -27.34 9.47 21.51
N SER B 230 -26.80 10.25 22.44
CA SER B 230 -26.15 11.51 22.08
C SER B 230 -24.83 11.24 21.37
N GLU B 231 -24.54 12.03 20.34
CA GLU B 231 -23.30 11.88 19.58
C GLU B 231 -22.15 12.63 20.23
N GLU B 232 -20.96 12.04 20.18
CA GLU B 232 -19.77 12.67 20.70
C GLU B 232 -18.86 12.84 19.50
N ARG B 233 -18.41 14.07 19.27
CA ARG B 233 -17.58 14.38 18.10
C ARG B 233 -16.29 15.14 18.39
N SER B 234 -15.99 15.39 19.66
CA SER B 234 -14.77 16.13 20.01
C SER B 234 -13.49 15.50 19.50
N LEU B 235 -12.55 16.34 19.10
CA LEU B 235 -11.25 15.92 18.61
C LEU B 235 -10.23 16.94 19.09
N PRO B 236 -9.06 16.48 19.55
CA PRO B 236 -8.00 17.38 20.05
C PRO B 236 -7.29 18.12 18.92
N ARG B 237 -7.37 17.57 17.71
CA ARG B 237 -6.73 18.18 16.55
C ARG B 237 -7.53 17.86 15.29
N LYS B 238 -6.89 18.01 14.15
CA LYS B 238 -7.50 17.75 12.84
C LYS B 238 -7.87 16.28 12.65
N MET B 239 -8.74 16.01 11.68
CA MET B 239 -9.16 14.65 11.34
C MET B 239 -7.90 13.80 11.21
N PRO B 240 -7.77 12.75 12.04
CA PRO B 240 -6.59 11.87 12.01
C PRO B 240 -6.47 10.87 10.85
N PHE B 241 -7.59 10.55 10.20
CA PHE B 241 -7.57 9.61 9.08
C PHE B 241 -7.39 10.34 7.75
N VAL B 242 -6.64 9.73 6.83
CA VAL B 242 -6.39 10.30 5.51
C VAL B 242 -6.73 9.29 4.42
N ARG B 243 -7.43 9.73 3.38
CA ARG B 243 -7.80 8.83 2.29
C ARG B 243 -6.57 8.23 1.62
N GLY B 244 -6.59 6.90 1.46
CA GLY B 244 -5.50 6.18 0.83
C GLY B 244 -4.35 5.85 1.78
N GLN B 245 -4.40 6.41 2.98
CA GLN B 245 -3.33 6.22 3.96
C GLN B 245 -3.57 5.13 5.01
N SER B 246 -2.53 4.36 5.31
CA SER B 246 -2.64 3.32 6.32
C SER B 246 -2.79 3.95 7.69
N PHE B 247 -3.36 3.19 8.63
CA PHE B 247 -3.57 3.72 9.97
C PHE B 247 -3.59 2.59 10.99
N SER B 248 -3.53 2.97 12.25
CA SER B 248 -3.60 2.01 13.33
C SER B 248 -4.45 2.69 14.38
N VAL B 249 -5.28 1.89 15.05
CA VAL B 249 -6.15 2.43 16.09
C VAL B 249 -6.16 1.44 17.24
N TRP B 250 -6.12 1.94 18.47
CA TRP B 250 -6.25 1.06 19.60
C TRP B 250 -7.36 1.60 20.49
N ILE B 251 -8.10 0.68 21.08
CA ILE B 251 -9.20 1.02 21.96
C ILE B 251 -8.88 0.33 23.28
N LEU B 252 -8.67 1.12 24.33
CA LEU B 252 -8.35 0.59 25.64
C LEU B 252 -9.55 0.71 26.56
N CYS B 253 -9.98 -0.40 27.13
CA CYS B 253 -11.11 -0.38 28.05
C CYS B 253 -10.62 -0.11 29.46
N GLU B 254 -11.22 0.89 30.10
CA GLU B 254 -10.90 1.27 31.47
C GLU B 254 -12.16 0.96 32.27
N ALA B 255 -12.10 1.11 33.58
CA ALA B 255 -13.28 0.83 34.40
C ALA B 255 -14.40 1.83 34.14
N HIS B 256 -14.03 3.08 33.87
CA HIS B 256 -15.00 4.15 33.67
C HIS B 256 -15.22 4.58 32.21
N CYS B 257 -14.27 4.27 31.34
CA CYS B 257 -14.40 4.68 29.95
C CYS B 257 -13.52 3.85 29.02
N LEU B 258 -13.66 4.16 27.74
CA LEU B 258 -12.85 3.53 26.69
C LEU B 258 -11.94 4.66 26.27
N LYS B 259 -10.67 4.36 26.00
CA LYS B 259 -9.74 5.39 25.55
C LYS B 259 -9.34 4.98 24.14
N VAL B 260 -9.35 5.93 23.22
CA VAL B 260 -9.02 5.65 21.82
C VAL B 260 -7.91 6.54 21.30
N ALA B 261 -6.95 5.94 20.61
CA ALA B 261 -5.85 6.67 20.01
C ALA B 261 -5.70 6.20 18.57
N VAL B 262 -5.30 7.11 17.69
CA VAL B 262 -5.13 6.80 16.29
C VAL B 262 -3.69 7.20 15.91
N ASP B 263 -2.96 6.23 15.37
CA ASP B 263 -1.57 6.43 14.97
C ASP B 263 -0.70 6.94 16.09
N GLY B 264 -1.02 6.50 17.31
CA GLY B 264 -0.24 6.89 18.47
C GLY B 264 -0.64 8.19 19.15
N GLN B 265 -1.71 8.83 18.71
CA GLN B 265 -2.13 10.08 19.34
C GLN B 265 -3.50 9.92 20.01
N HIS B 266 -3.53 10.16 21.32
CA HIS B 266 -4.80 10.04 22.05
C HIS B 266 -5.83 10.93 21.40
N LEU B 267 -7.00 10.38 21.10
CA LEU B 267 -8.07 11.15 20.48
C LEU B 267 -9.17 11.58 21.43
N PHE B 268 -9.64 10.65 22.25
CA PHE B 268 -10.72 10.95 23.17
C PHE B 268 -10.99 9.79 24.12
N GLU B 269 -11.84 10.05 25.10
CA GLU B 269 -12.26 9.03 26.04
C GLU B 269 -13.76 8.93 25.77
N TYR B 270 -14.33 7.75 25.97
CA TYR B 270 -15.76 7.58 25.77
C TYR B 270 -16.28 6.85 26.99
N TYR B 271 -17.02 7.57 27.84
CA TYR B 271 -17.54 6.96 29.05
C TYR B 271 -18.55 5.86 28.77
N HIS B 272 -18.43 4.76 29.50
CA HIS B 272 -19.30 3.62 29.33
C HIS B 272 -20.78 3.93 29.51
N ARG B 273 -21.58 3.57 28.52
CA ARG B 273 -23.02 3.77 28.61
C ARG B 273 -23.61 2.38 28.85
N LEU B 274 -22.98 1.40 28.22
CA LEU B 274 -23.36 -0.01 28.36
C LEU B 274 -22.28 -0.48 29.34
N ARG B 275 -22.67 -0.71 30.59
CA ARG B 275 -21.72 -1.07 31.64
C ARG B 275 -21.35 -2.53 31.94
N ASN B 276 -22.07 -3.49 31.39
CA ASN B 276 -21.73 -4.89 31.65
C ASN B 276 -20.62 -5.27 30.66
N LEU B 277 -19.40 -4.86 30.99
CA LEU B 277 -18.25 -5.09 30.10
C LEU B 277 -18.06 -6.48 29.50
N PRO B 278 -18.18 -7.55 30.32
CA PRO B 278 -17.99 -8.89 29.73
C PRO B 278 -18.94 -9.24 28.58
N THR B 279 -20.11 -8.60 28.53
CA THR B 279 -21.09 -8.89 27.47
C THR B 279 -20.72 -8.25 26.13
N ILE B 280 -19.81 -7.28 26.16
CA ILE B 280 -19.37 -6.62 24.94
C ILE B 280 -18.33 -7.58 24.36
N ASN B 281 -18.83 -8.60 23.68
CA ASN B 281 -17.97 -9.64 23.14
C ASN B 281 -17.95 -9.83 21.63
N ARG B 282 -18.33 -8.80 20.88
CA ARG B 282 -18.33 -8.90 19.43
C ARG B 282 -17.82 -7.64 18.75
N LEU B 283 -16.92 -7.82 17.79
CA LEU B 283 -16.36 -6.69 17.05
C LEU B 283 -16.89 -6.73 15.62
N GLU B 284 -17.31 -5.57 15.12
CA GLU B 284 -17.80 -5.48 13.75
C GLU B 284 -17.13 -4.29 13.10
N VAL B 285 -16.63 -4.50 11.89
CA VAL B 285 -15.96 -3.44 11.14
C VAL B 285 -16.55 -3.39 9.74
N GLY B 286 -16.86 -2.19 9.29
CA GLY B 286 -17.42 -2.03 7.97
C GLY B 286 -17.00 -0.71 7.38
N GLY B 287 -17.29 -0.51 6.10
CA GLY B 287 -16.93 0.75 5.50
C GLY B 287 -15.81 0.70 4.48
N ASP B 288 -15.37 1.89 4.10
CA ASP B 288 -14.35 2.06 3.09
C ASP B 288 -12.88 1.96 3.50
N ILE B 289 -12.50 0.78 4.01
CA ILE B 289 -11.12 0.54 4.41
C ILE B 289 -10.77 -0.90 4.06
N GLN B 290 -9.48 -1.21 4.17
CA GLN B 290 -8.99 -2.57 3.97
C GLN B 290 -8.32 -2.85 5.29
N LEU B 291 -8.53 -4.04 5.85
CA LEU B 291 -7.92 -4.38 7.13
C LEU B 291 -6.61 -5.14 6.96
N THR B 292 -5.66 -4.85 7.83
CA THR B 292 -4.35 -5.50 7.81
C THR B 292 -4.20 -6.41 9.03
N HIS B 293 -4.54 -5.87 10.19
CA HIS B 293 -4.45 -6.62 11.44
C HIS B 293 -5.62 -6.29 12.35
N VAL B 294 -6.04 -7.29 13.12
CA VAL B 294 -7.10 -7.11 14.09
C VAL B 294 -6.73 -8.03 15.26
N GLN B 295 -6.74 -7.47 16.47
CA GLN B 295 -6.44 -8.28 17.64
C GLN B 295 -7.51 -7.98 18.68
N THR B 296 -8.24 -9.01 19.09
CA THR B 296 -9.29 -8.86 20.07
C THR B 296 -9.01 -9.74 21.29
C2 BGC C . 19.44 23.09 -6.81
C3 BGC C . 19.29 21.86 -7.69
C4 BGC C . 19.28 22.24 -9.17
C5 BGC C . 20.52 23.08 -9.49
C6 BGC C . 20.58 23.54 -10.93
C1 BGC C . 20.65 23.94 -7.26
O1 BGC C . 20.69 25.12 -6.55
O2 BGC C . 19.61 22.70 -5.47
O3 BGC C . 18.10 21.17 -7.36
O4 BGC C . 19.26 21.05 -9.99
O5 BGC C . 20.55 24.26 -8.65
O6 BGC C . 19.52 24.44 -11.23
C1 GAL C . 18.42 21.08 -11.09
C2 GAL C . 18.59 19.78 -11.88
C3 GAL C . 17.57 19.75 -13.04
C4 GAL C . 16.17 19.94 -12.49
C5 GAL C . 16.11 21.26 -11.69
C6 GAL C . 14.75 21.54 -11.08
O2 GAL C . 19.91 19.68 -12.40
O3 GAL C . 17.67 18.49 -13.71
O4 GAL C . 15.85 18.85 -11.62
O5 GAL C . 17.07 21.22 -10.61
O6 GAL C . 14.80 22.64 -10.19
C1 GLC D . -4.74 -30.15 -14.04
C2 GLC D . -3.99 -28.82 -14.24
C3 GLC D . -4.72 -27.66 -13.55
C4 GLC D . -6.20 -27.63 -13.93
C5 GLC D . -6.82 -29.00 -13.66
C6 GLC D . -8.29 -29.08 -14.05
O1 GLC D . -4.65 -30.56 -12.72
O2 GLC D . -2.68 -28.93 -13.69
O3 GLC D . -4.11 -26.44 -13.91
O4 GLC D . -6.87 -26.61 -13.16
O5 GLC D . -6.12 -30.03 -14.41
O6 GLC D . -8.47 -28.67 -15.40
C1 GAL D . -7.71 -25.74 -13.83
C2 GAL D . -8.39 -24.81 -12.83
C3 GAL D . -9.24 -23.76 -13.55
C4 GAL D . -8.43 -23.05 -14.65
C5 GAL D . -7.76 -24.09 -15.56
C6 GAL D . -6.86 -23.46 -16.62
O2 GAL D . -9.20 -25.55 -11.94
O3 GAL D . -9.71 -22.81 -12.63
O4 GAL D . -7.42 -22.23 -14.05
O5 GAL D . -6.94 -24.99 -14.78
O6 GAL D . -6.35 -24.44 -17.51
C2 BGC E . 29.35 1.93 9.63
C3 BGC E . 28.20 2.50 10.45
C4 BGC E . 28.39 2.20 11.93
C5 BGC E . 29.77 2.68 12.40
C6 BGC E . 30.09 2.32 13.83
C1 BGC E . 30.69 2.45 10.19
O1 BGC E . 31.74 1.88 9.50
O2 BGC E . 29.22 2.34 8.27
O3 BGC E . 26.97 1.93 10.00
O4 BGC E . 27.36 2.86 12.70
O5 BGC E . 30.81 2.09 11.58
O6 BGC E . 30.04 0.91 14.03
C1 GAL E . 26.72 2.10 13.68
C2 GAL E . 25.67 2.96 14.40
C3 GAL E . 24.92 2.10 15.41
C4 GAL E . 24.31 0.88 14.71
C5 GAL E . 25.42 0.11 13.97
C6 GAL E . 24.91 -1.09 13.19
O2 GAL E . 26.32 4.03 15.07
O3 GAL E . 23.88 2.87 16.01
O4 GAL E . 23.31 1.30 13.80
O5 GAL E . 26.09 0.98 13.03
O6 GAL E . 25.97 -1.73 12.49
C1 GLC F . -28.09 13.47 12.42
C2 GLC F . -26.61 13.27 12.74
C3 GLC F . -26.07 12.01 12.06
C4 GLC F . -26.95 10.80 12.36
C5 GLC F . -28.41 11.13 12.00
C6 GLC F . -29.37 9.99 12.31
O1 GLC F . -28.26 13.73 11.07
O2 GLC F . -25.85 14.39 12.29
O3 GLC F . -24.75 11.75 12.52
O4 GLC F . -26.50 9.68 11.57
O5 GLC F . -28.85 12.29 12.74
O6 GLC F . -29.33 9.66 13.69
C1 GAL F . -26.37 8.46 12.22
C2 GAL F . -25.95 7.39 11.21
C3 GAL F . -25.67 6.06 11.90
C4 GAL F . -24.69 6.25 13.06
C5 GAL F . -25.18 7.37 13.99
C6 GAL F . -24.22 7.67 15.13
O2 GAL F . -26.98 7.21 10.25
O3 GAL F . -25.11 5.15 10.95
O4 GAL F . -23.41 6.60 12.55
O5 GAL F . -25.37 8.59 13.24
O6 GAL F . -24.69 8.72 15.95
ZN ZN G . -3.42 5.83 -10.08
C1 EDO H . -1.43 1.08 -5.70
O1 EDO H . -0.20 1.72 -6.00
C2 EDO H . -1.55 -0.21 -6.51
O2 EDO H . -1.51 0.10 -7.90
C1 EDO I . 2.35 -0.93 -10.60
O1 EDO I . 3.16 -0.10 -11.42
C2 EDO I . 1.17 -0.12 -10.06
O2 EDO I . 0.32 -0.97 -9.29
C1 EDO J . 10.72 -12.32 -8.11
O1 EDO J . 10.35 -12.18 -6.75
C2 EDO J . 9.75 -11.55 -9.01
O2 EDO J . 9.83 -10.17 -8.71
C1 EDO K . -7.65 -18.41 -4.39
O1 EDO K . -7.40 -18.45 -2.99
C2 EDO K . -8.87 -17.53 -4.66
O2 EDO K . -9.18 -17.56 -6.05
C1 EDO L . 0.84 22.88 -27.74
O1 EDO L . -0.45 22.48 -27.31
C2 EDO L . 1.04 24.36 -27.43
O2 EDO L . 2.36 24.75 -27.76
ZN ZN M . 1.82 -6.61 9.85
C1 EDO N . -0.15 1.31 11.16
O1 EDO N . 0.82 2.30 11.46
C2 EDO N . -0.49 1.36 9.67
O2 EDO N . -1.42 0.33 9.37
C1 EDO O . -0.21 -1.39 5.55
O1 EDO O . 0.67 -0.48 6.20
C2 EDO O . -0.85 -2.31 6.57
O2 EDO O . -1.61 -1.56 7.51
C1 EDO P . -7.82 2.31 -4.63
O1 EDO P . -6.61 2.11 -5.31
C2 EDO P . -8.22 1.02 -3.91
O2 EDO P . -9.57 1.11 -3.50
C1 EDO Q . 8.85 -3.85 0.92
O1 EDO Q . 10.12 -3.41 0.46
C2 EDO Q . 8.12 -2.70 1.62
O2 EDO Q . 7.94 -1.62 0.71
C1 EDO R . -18.24 16.26 22.44
O1 EDO R . -17.70 14.99 22.10
C2 EDO R . -19.66 16.39 21.89
O2 EDO R . -19.61 16.48 20.46
#